data_9GRZ
#
_entry.id   9GRZ
#
_cell.length_a   1.00
_cell.length_b   1.00
_cell.length_c   1.00
_cell.angle_alpha   90.00
_cell.angle_beta   90.00
_cell.angle_gamma   90.00
#
_symmetry.space_group_name_H-M   'P 1'
#
loop_
_entity.id
_entity.type
_entity.pdbx_description
1 polymer 'Solute carrier family 35 member B1'
2 non-polymer 'PHOSPHOAMINOPHOSPHONIC ACID-ADENYLATE ESTER'
#
_entity_poly.entity_id   1
_entity_poly.type   'polypeptide(L)'
_entity_poly.pdbx_seq_one_letter_code
;MASSSSLVPDRLRLPLCFLGVFVCYFYYGILQEKITRGKYGEGAKQETFTFALTLVFIQCVINAVFAKILIQFFDTARVD
HTRSWLYAACSISYLGAMVSSNSALQFVNYPTQVLGKSCKPIPVMLLGVTLLKKKYPLAKYLCVLLIVAGVALFMYKPKK
VVGIEEHTVGYGELLLLLSLTLDGLTGVSQDHMRAHYQTGSNHMMLNINLWSTLLLGMGILFTGELWEFLSFAERYPAII
YNILLFGLTSALGQSFIFMTVVYFGPLTCSIITTTRKFFTILASVILFANPISPMQWVGTVLVFLGLGLDAKFGKGAKKT
SHGENLYFQ
;
_entity_poly.pdbx_strand_id   B
#
# COMPACT_ATOMS: atom_id res chain seq x y z
N LEU A 12 -11.07 19.37 23.43
CA LEU A 12 -11.26 18.72 22.13
C LEU A 12 -10.65 17.31 22.15
N ARG A 13 -11.40 16.36 22.71
CA ARG A 13 -10.99 14.97 22.66
C ARG A 13 -11.05 14.46 21.22
N LEU A 14 -9.97 13.85 20.77
CA LEU A 14 -9.89 13.24 19.44
C LEU A 14 -9.45 11.77 19.55
N PRO A 15 -10.32 10.91 20.09
CA PRO A 15 -10.06 9.47 19.95
C PRO A 15 -10.31 8.94 18.54
N LEU A 16 -11.13 9.62 17.74
CA LEU A 16 -11.39 9.16 16.39
C LEU A 16 -10.14 9.15 15.51
N CYS A 17 -9.12 9.94 15.85
CA CYS A 17 -7.88 9.90 15.08
C CYS A 17 -7.21 8.53 15.13
N PHE A 18 -7.34 7.81 16.25
CA PHE A 18 -6.75 6.47 16.35
C PHE A 18 -7.73 5.40 15.90
N LEU A 19 -8.91 5.35 16.52
CA LEU A 19 -9.86 4.29 16.22
C LEU A 19 -10.24 4.28 14.75
N GLY A 20 -10.52 5.45 14.18
CA GLY A 20 -11.02 5.50 12.81
C GLY A 20 -10.04 4.93 11.81
N VAL A 21 -8.75 5.29 11.94
CA VAL A 21 -7.74 4.77 11.02
C VAL A 21 -7.22 3.40 11.42
N PHE A 22 -7.54 2.93 12.63
CA PHE A 22 -7.10 1.60 13.06
C PHE A 22 -8.10 0.52 12.69
N VAL A 23 -9.35 0.65 13.16
CA VAL A 23 -10.33 -0.43 12.96
C VAL A 23 -10.63 -0.60 11.48
N CYS A 24 -10.74 0.51 10.74
CA CYS A 24 -11.12 0.42 9.35
C CYS A 24 -10.04 -0.27 8.52
N TYR A 25 -8.78 0.11 8.74
CA TYR A 25 -7.70 -0.55 7.99
C TYR A 25 -7.49 -1.98 8.46
N PHE A 26 -7.78 -2.28 9.72
CA PHE A 26 -7.74 -3.66 10.17
C PHE A 26 -8.76 -4.52 9.42
N TYR A 27 -9.98 -4.01 9.30
CA TYR A 27 -11.01 -4.72 8.52
C TYR A 27 -10.60 -4.82 7.06
N TYR A 28 -9.98 -3.75 6.53
CA TYR A 28 -9.47 -3.77 5.17
C TYR A 28 -8.49 -4.92 4.96
N GLY A 29 -7.52 -5.04 5.86
CA GLY A 29 -6.54 -6.11 5.72
C GLY A 29 -7.16 -7.48 5.85
N ILE A 30 -8.05 -7.66 6.82
CA ILE A 30 -8.66 -8.97 7.01
C ILE A 30 -9.48 -9.36 5.78
N LEU A 31 -10.21 -8.40 5.20
CA LEU A 31 -10.98 -8.69 4.00
C LEU A 31 -10.07 -9.01 2.83
N GLN A 32 -8.99 -8.24 2.66
CA GLN A 32 -8.07 -8.49 1.56
C GLN A 32 -7.48 -9.89 1.65
N GLU A 33 -7.11 -10.32 2.85
CA GLU A 33 -6.62 -11.69 3.00
C GLU A 33 -7.74 -12.69 2.74
N LYS A 34 -8.97 -12.37 3.14
CA LYS A 34 -10.07 -13.31 2.96
C LYS A 34 -10.34 -13.58 1.48
N ILE A 35 -10.40 -12.54 0.66
CA ILE A 35 -10.80 -12.71 -0.73
C ILE A 35 -9.65 -13.07 -1.65
N THR A 36 -8.40 -13.01 -1.19
CA THR A 36 -7.26 -13.30 -2.04
C THR A 36 -6.83 -14.76 -1.95
N ARG A 37 -6.62 -15.26 -0.74
CA ARG A 37 -6.19 -16.63 -0.52
C ARG A 37 -7.33 -17.58 -0.18
N GLY A 38 -8.57 -17.13 -0.31
CA GLY A 38 -9.71 -17.97 0.00
C GLY A 38 -9.75 -19.24 -0.82
N LYS A 39 -9.95 -20.38 -0.15
CA LYS A 39 -9.97 -21.68 -0.83
C LYS A 39 -11.36 -21.92 -1.38
N TYR A 40 -11.62 -21.33 -2.55
CA TYR A 40 -12.92 -21.46 -3.20
C TYR A 40 -13.07 -22.85 -3.82
N GLN A 46 -11.86 -26.37 -7.85
CA GLN A 46 -11.16 -25.30 -7.17
C GLN A 46 -10.59 -24.32 -8.19
N GLU A 47 -10.83 -23.02 -7.97
CA GLU A 47 -10.36 -21.97 -8.87
C GLU A 47 -9.78 -20.85 -8.02
N THR A 48 -8.45 -20.75 -7.99
CA THR A 48 -7.81 -19.68 -7.25
C THR A 48 -8.14 -18.32 -7.86
N PHE A 49 -8.06 -17.28 -7.02
CA PHE A 49 -8.42 -15.93 -7.43
C PHE A 49 -7.26 -15.31 -8.20
N THR A 50 -7.20 -15.65 -9.49
CA THR A 50 -6.13 -15.16 -10.36
C THR A 50 -6.36 -13.72 -10.80
N PHE A 51 -7.58 -13.21 -10.72
CA PHE A 51 -7.90 -11.86 -11.18
C PHE A 51 -7.41 -10.85 -10.15
N ALA A 52 -6.48 -9.99 -10.57
CA ALA A 52 -5.90 -8.98 -9.69
C ALA A 52 -6.25 -7.55 -10.08
N LEU A 53 -6.78 -7.33 -11.28
CA LEU A 53 -7.03 -5.98 -11.76
C LEU A 53 -8.42 -5.46 -11.41
N THR A 54 -9.42 -6.35 -11.38
CA THR A 54 -10.78 -5.91 -11.13
C THR A 54 -10.92 -5.27 -9.74
N LEU A 55 -10.31 -5.88 -8.72
CA LEU A 55 -10.45 -5.36 -7.37
C LEU A 55 -9.78 -4.01 -7.22
N VAL A 56 -8.60 -3.84 -7.82
CA VAL A 56 -7.92 -2.55 -7.73
C VAL A 56 -8.71 -1.49 -8.50
N PHE A 57 -9.32 -1.87 -9.63
CA PHE A 57 -10.17 -0.93 -10.37
C PHE A 57 -11.34 -0.47 -9.51
N ILE A 58 -12.02 -1.43 -8.86
CA ILE A 58 -13.16 -1.08 -8.01
C ILE A 58 -12.73 -0.20 -6.85
N GLN A 59 -11.61 -0.54 -6.22
CA GLN A 59 -11.10 0.25 -5.11
C GLN A 59 -10.78 1.67 -5.56
N CYS A 60 -10.14 1.81 -6.72
CA CYS A 60 -9.77 3.13 -7.22
C CYS A 60 -11.01 3.97 -7.46
N VAL A 61 -12.02 3.40 -8.14
CA VAL A 61 -13.20 4.21 -8.46
C VAL A 61 -13.95 4.58 -7.18
N ILE A 62 -14.05 3.64 -6.24
CA ILE A 62 -14.78 3.94 -4.99
C ILE A 62 -14.07 5.04 -4.22
N ASN A 63 -12.74 4.94 -4.10
CA ASN A 63 -12.01 5.97 -3.36
C ASN A 63 -12.08 7.30 -4.09
N ALA A 64 -12.14 7.29 -5.43
CA ALA A 64 -12.26 8.53 -6.18
C ALA A 64 -13.59 9.22 -5.91
N VAL A 65 -14.68 8.46 -5.94
CA VAL A 65 -15.98 9.07 -5.68
C VAL A 65 -16.06 9.58 -4.23
N PHE A 66 -15.46 8.83 -3.30
CA PHE A 66 -15.42 9.31 -1.92
C PHE A 66 -14.60 10.59 -1.82
N ALA A 67 -13.51 10.67 -2.58
CA ALA A 67 -12.71 11.89 -2.59
C ALA A 67 -13.54 13.08 -3.09
N LYS A 68 -14.32 12.88 -4.14
CA LYS A 68 -15.14 13.97 -4.66
C LYS A 68 -16.17 14.40 -3.63
N ILE A 69 -16.91 13.44 -3.06
CA ILE A 69 -17.95 13.79 -2.10
C ILE A 69 -17.35 14.38 -0.82
N LEU A 70 -16.07 14.12 -0.55
CA LEU A 70 -15.44 14.72 0.62
C LEU A 70 -14.99 16.14 0.32
N ILE A 71 -14.29 16.35 -0.80
CA ILE A 71 -13.82 17.69 -1.15
C ILE A 71 -14.99 18.64 -1.34
N GLN A 72 -16.15 18.11 -1.74
CA GLN A 72 -17.33 18.98 -1.87
C GLN A 72 -17.70 19.65 -0.55
N PHE A 73 -17.27 19.09 0.59
CA PHE A 73 -17.56 19.64 1.90
C PHE A 73 -16.29 20.13 2.59
N PHE A 74 -15.40 20.77 1.83
CA PHE A 74 -14.14 21.28 2.35
C PHE A 74 -13.83 22.59 1.64
N ASP A 75 -12.62 23.11 1.87
CA ASP A 75 -12.23 24.40 1.33
C ASP A 75 -12.28 24.38 -0.20
N THR A 76 -12.68 25.51 -0.78
CA THR A 76 -12.80 25.65 -2.22
C THR A 76 -11.89 26.73 -2.80
N ALA A 77 -11.36 27.63 -1.98
CA ALA A 77 -10.52 28.71 -2.50
C ALA A 77 -9.26 28.17 -3.18
N ARG A 78 -8.75 27.03 -2.71
CA ARG A 78 -7.54 26.48 -3.29
C ARG A 78 -7.72 26.20 -4.77
N VAL A 79 -6.72 26.54 -5.56
CA VAL A 79 -6.71 26.32 -7.00
C VAL A 79 -5.57 25.37 -7.34
N ASP A 80 -5.87 24.33 -8.10
CA ASP A 80 -4.87 23.31 -8.42
C ASP A 80 -3.84 23.89 -9.38
N HIS A 81 -2.65 24.18 -8.86
CA HIS A 81 -1.57 24.68 -9.69
C HIS A 81 -0.87 23.57 -10.47
N THR A 82 -1.05 22.31 -10.09
CA THR A 82 -0.32 21.22 -10.72
C THR A 82 -0.70 21.08 -12.19
N ARG A 83 0.27 20.68 -12.99
CA ARG A 83 0.03 20.43 -14.41
C ARG A 83 -0.55 19.03 -14.60
N SER A 84 -1.07 18.79 -15.81
CA SER A 84 -1.78 17.54 -16.08
C SER A 84 -0.83 16.34 -16.10
N TRP A 85 0.27 16.45 -16.86
CA TRP A 85 1.05 15.25 -17.17
C TRP A 85 1.69 14.63 -15.94
N LEU A 86 2.02 15.44 -14.93
CA LEU A 86 2.62 14.88 -13.73
C LEU A 86 1.67 13.92 -13.04
N TYR A 87 0.39 14.29 -12.96
CA TYR A 87 -0.61 13.38 -12.41
C TYR A 87 -0.69 12.10 -13.23
N ALA A 88 -0.59 12.21 -14.55
CA ALA A 88 -0.66 11.02 -15.41
C ALA A 88 0.49 10.05 -15.13
N ALA A 89 1.71 10.58 -15.09
CA ALA A 89 2.86 9.71 -14.84
C ALA A 89 2.79 9.10 -13.45
N CYS A 90 2.45 9.91 -12.45
CA CYS A 90 2.32 9.39 -11.10
C CYS A 90 1.24 8.31 -11.05
N SER A 91 0.18 8.48 -11.84
CA SER A 91 -0.89 7.48 -11.87
C SER A 91 -0.41 6.17 -12.49
N ILE A 92 0.36 6.24 -13.58
CA ILE A 92 0.85 5.00 -14.16
C ILE A 92 1.74 4.28 -13.16
N SER A 93 2.63 5.01 -12.48
CA SER A 93 3.52 4.38 -11.53
C SER A 93 2.74 3.76 -10.37
N TYR A 94 1.79 4.52 -9.82
CA TYR A 94 1.04 4.06 -8.65
C TYR A 94 0.18 2.85 -8.99
N LEU A 95 -0.54 2.90 -10.12
CA LEU A 95 -1.39 1.78 -10.50
C LEU A 95 -0.56 0.55 -10.81
N GLY A 96 0.59 0.72 -11.47
CA GLY A 96 1.45 -0.41 -11.72
C GLY A 96 1.95 -1.04 -10.43
N ALA A 97 2.37 -0.20 -9.47
CA ALA A 97 2.81 -0.73 -8.18
C ALA A 97 1.71 -1.53 -7.51
N MET A 98 0.50 -0.96 -7.46
CA MET A 98 -0.60 -1.64 -6.78
C MET A 98 -0.95 -2.96 -7.47
N VAL A 99 -1.02 -2.95 -8.81
CA VAL A 99 -1.38 -4.16 -9.54
C VAL A 99 -0.33 -5.24 -9.32
N SER A 100 0.95 -4.88 -9.42
CA SER A 100 2.01 -5.86 -9.22
C SER A 100 1.99 -6.40 -7.80
N SER A 101 1.73 -5.54 -6.81
CA SER A 101 1.64 -6.01 -5.43
C SER A 101 0.50 -7.01 -5.26
N ASN A 102 -0.68 -6.67 -5.77
CA ASN A 102 -1.85 -7.52 -5.55
C ASN A 102 -1.73 -8.84 -6.29
N SER A 103 -1.20 -8.81 -7.52
CA SER A 103 -1.10 -10.03 -8.32
C SER A 103 -0.13 -11.04 -7.73
N ALA A 104 0.78 -10.59 -6.85
CA ALA A 104 1.81 -11.47 -6.33
C ALA A 104 1.31 -12.44 -5.28
N LEU A 105 0.11 -12.22 -4.74
CA LEU A 105 -0.37 -13.07 -3.64
C LEU A 105 -0.60 -14.51 -4.09
N GLN A 106 -0.74 -14.76 -5.39
CA GLN A 106 -0.96 -16.12 -5.85
C GLN A 106 0.26 -17.00 -5.60
N PHE A 107 1.45 -16.43 -5.52
CA PHE A 107 2.66 -17.19 -5.23
C PHE A 107 3.00 -17.17 -3.74
N VAL A 108 3.22 -15.98 -3.18
CA VAL A 108 3.71 -15.83 -1.82
C VAL A 108 2.57 -15.90 -0.83
N ASN A 109 2.91 -16.03 0.46
CA ASN A 109 1.94 -16.00 1.53
C ASN A 109 1.71 -14.56 2.02
N TYR A 110 0.56 -14.34 2.64
CA TYR A 110 0.16 -12.98 3.00
C TYR A 110 1.14 -12.29 3.94
N PRO A 111 1.56 -12.91 5.05
CA PRO A 111 2.46 -12.17 5.97
C PRO A 111 3.73 -11.68 5.31
N THR A 112 4.30 -12.49 4.41
CA THR A 112 5.49 -12.04 3.69
C THR A 112 5.19 -10.81 2.86
N GLN A 113 4.01 -10.75 2.24
CA GLN A 113 3.65 -9.60 1.44
C GLN A 113 3.56 -8.35 2.30
N VAL A 114 2.81 -8.42 3.40
CA VAL A 114 2.60 -7.23 4.20
C VAL A 114 3.87 -6.82 4.95
N LEU A 115 4.84 -7.73 5.10
CA LEU A 115 6.12 -7.33 5.66
C LEU A 115 6.99 -6.67 4.60
N GLY A 116 7.15 -7.32 3.44
CA GLY A 116 8.02 -6.77 2.41
C GLY A 116 7.54 -5.44 1.89
N LYS A 117 6.22 -5.30 1.70
CA LYS A 117 5.68 -4.04 1.21
C LYS A 117 5.92 -2.91 2.22
N SER A 118 6.07 -3.25 3.49
CA SER A 118 6.16 -2.24 4.54
C SER A 118 7.51 -1.53 4.60
N CYS A 119 8.54 -2.07 3.94
CA CYS A 119 9.87 -1.45 3.94
C CYS A 119 9.98 -0.40 2.84
N LYS A 120 9.01 0.52 2.83
CA LYS A 120 8.99 1.57 1.80
C LYS A 120 10.21 2.47 1.81
N PRO A 121 10.75 2.92 2.95
CA PRO A 121 11.80 3.94 2.91
C PRO A 121 13.02 3.55 2.08
N ILE A 122 13.42 2.27 2.10
CA ILE A 122 14.67 1.88 1.44
C ILE A 122 14.65 2.16 -0.06
N PRO A 123 13.62 1.75 -0.81
CA PRO A 123 13.57 2.18 -2.23
C PRO A 123 13.65 3.68 -2.41
N VAL A 124 12.87 4.44 -1.65
CA VAL A 124 12.89 5.90 -1.79
C VAL A 124 14.26 6.43 -1.41
N MET A 125 14.86 5.89 -0.35
CA MET A 125 16.17 6.37 0.09
C MET A 125 17.21 6.17 -1.01
N LEU A 126 17.29 4.95 -1.57
CA LEU A 126 18.30 4.71 -2.58
C LEU A 126 18.04 5.51 -3.84
N LEU A 127 16.76 5.64 -4.24
CA LEU A 127 16.45 6.45 -5.41
C LEU A 127 16.86 7.90 -5.21
N GLY A 128 16.57 8.46 -4.04
CA GLY A 128 16.94 9.84 -3.78
C GLY A 128 18.45 10.03 -3.76
N VAL A 129 19.17 9.10 -3.11
CA VAL A 129 20.62 9.25 -3.01
C VAL A 129 21.26 9.13 -4.38
N THR A 130 20.80 8.19 -5.22
CA THR A 130 21.43 8.01 -6.52
C THR A 130 21.01 9.08 -7.52
N LEU A 131 19.81 9.64 -7.39
CA LEU A 131 19.27 10.59 -8.35
C LEU A 131 19.16 12.00 -7.76
N LEU A 132 18.44 12.16 -6.65
CA LEU A 132 18.23 13.49 -6.09
C LEU A 132 19.49 14.08 -5.47
N LYS A 133 20.54 13.28 -5.29
CA LYS A 133 21.82 13.76 -4.75
C LYS A 133 21.63 14.40 -3.37
N LYS A 134 20.96 13.67 -2.48
CA LYS A 134 20.67 14.14 -1.14
C LYS A 134 21.70 13.57 -0.16
N LYS A 135 21.57 13.97 1.10
CA LYS A 135 22.47 13.54 2.16
C LYS A 135 21.67 13.29 3.43
N TYR A 136 21.98 12.19 4.13
CA TYR A 136 21.32 11.85 5.38
C TYR A 136 22.37 11.37 6.38
N PRO A 137 22.50 12.03 7.56
CA PRO A 137 23.62 11.74 8.46
C PRO A 137 23.36 10.51 9.31
N LEU A 138 24.07 9.41 9.02
CA LEU A 138 24.09 8.21 9.84
C LEU A 138 22.68 7.70 10.16
N ALA A 139 21.69 8.05 9.33
CA ALA A 139 20.32 7.61 9.52
C ALA A 139 19.90 6.59 8.46
N LYS A 140 20.21 6.87 7.20
CA LYS A 140 20.05 5.89 6.12
C LYS A 140 21.21 4.91 6.06
N TYR A 141 22.10 4.92 7.05
CA TYR A 141 23.17 3.94 7.18
C TYR A 141 23.08 3.19 8.51
N LEU A 142 22.13 3.52 9.37
CA LEU A 142 21.98 2.87 10.67
C LEU A 142 20.67 2.09 10.77
N CYS A 143 19.52 2.74 10.55
CA CYS A 143 18.26 2.01 10.56
C CYS A 143 18.17 1.03 9.41
N VAL A 144 18.87 1.32 8.31
CA VAL A 144 18.87 0.42 7.16
C VAL A 144 19.49 -0.92 7.54
N LEU A 145 20.50 -0.90 8.40
CA LEU A 145 21.11 -2.15 8.86
C LEU A 145 20.08 -3.02 9.56
N LEU A 146 19.32 -2.43 10.49
CA LEU A 146 18.29 -3.19 11.18
C LEU A 146 17.24 -3.70 10.21
N ILE A 147 16.79 -2.84 9.29
CA ILE A 147 15.74 -3.24 8.36
C ILE A 147 16.20 -4.41 7.50
N VAL A 148 17.39 -4.29 6.91
CA VAL A 148 17.88 -5.34 6.01
C VAL A 148 18.16 -6.61 6.78
N ALA A 149 18.70 -6.50 8.00
CA ALA A 149 18.94 -7.69 8.80
C ALA A 149 17.63 -8.42 9.09
N GLY A 150 16.60 -7.68 9.49
CA GLY A 150 15.32 -8.30 9.77
C GLY A 150 14.73 -8.97 8.54
N VAL A 151 14.73 -8.26 7.42
CA VAL A 151 14.15 -8.83 6.20
C VAL A 151 14.91 -10.06 5.75
N ALA A 152 16.24 -9.99 5.76
CA ALA A 152 17.07 -11.09 5.28
C ALA A 152 17.23 -12.19 6.32
N LEU A 153 16.69 -12.03 7.52
CA LEU A 153 16.58 -13.14 8.46
C LEU A 153 15.19 -13.75 8.51
N PHE A 154 14.16 -13.01 8.12
CA PHE A 154 12.79 -13.53 8.18
C PHE A 154 12.49 -14.40 6.97
N MET A 155 12.49 -13.82 5.77
CA MET A 155 12.08 -14.56 4.59
C MET A 155 13.14 -15.55 4.14
N TYR A 156 14.40 -15.27 4.44
CA TYR A 156 15.51 -16.13 4.04
C TYR A 156 15.76 -17.21 5.09
N LYS A 157 16.27 -18.34 4.62
CA LYS A 157 16.77 -19.39 5.50
C LYS A 157 18.16 -18.97 5.99
N PRO A 158 18.79 -19.79 6.82
CA PRO A 158 20.18 -19.49 7.19
C PRO A 158 21.11 -19.40 6.00
N LYS A 159 21.22 -20.48 5.23
CA LYS A 159 22.20 -20.57 4.15
C LYS A 159 21.59 -21.18 2.89
N LYS A 160 20.29 -21.01 2.69
CA LYS A 160 19.57 -21.63 1.57
C LYS A 160 19.77 -23.14 1.56
N VAL A 161 19.78 -23.74 2.76
CA VAL A 161 19.95 -25.17 2.91
C VAL A 161 18.67 -25.82 3.43
N VAL A 162 17.94 -25.13 4.30
CA VAL A 162 16.70 -25.65 4.85
C VAL A 162 15.58 -24.64 4.65
N THR A 168 15.83 -21.46 -8.15
CA THR A 168 15.34 -20.13 -8.50
C THR A 168 14.36 -19.63 -7.44
N VAL A 169 14.51 -18.36 -7.07
CA VAL A 169 13.64 -17.79 -6.05
C VAL A 169 12.19 -17.78 -6.55
N GLY A 170 11.26 -17.78 -5.61
CA GLY A 170 9.86 -17.73 -5.98
C GLY A 170 9.55 -16.50 -6.81
N TYR A 171 8.78 -16.71 -7.89
CA TYR A 171 8.50 -15.61 -8.82
C TYR A 171 7.80 -14.45 -8.13
N GLY A 172 7.07 -14.72 -7.04
CA GLY A 172 6.39 -13.66 -6.33
C GLY A 172 7.35 -12.63 -5.76
N GLU A 173 8.54 -13.07 -5.35
CA GLU A 173 9.53 -12.14 -4.83
C GLU A 173 9.91 -11.09 -5.89
N LEU A 174 10.04 -11.53 -7.14
CA LEU A 174 10.34 -10.60 -8.22
C LEU A 174 9.23 -9.56 -8.36
N LEU A 175 7.97 -10.01 -8.29
CA LEU A 175 6.85 -9.09 -8.39
C LEU A 175 6.86 -8.09 -7.24
N LEU A 176 7.16 -8.56 -6.03
CA LEU A 176 7.22 -7.64 -4.89
C LEU A 176 8.34 -6.63 -5.07
N LEU A 177 9.49 -7.07 -5.57
CA LEU A 177 10.60 -6.14 -5.78
C LEU A 177 10.25 -5.08 -6.82
N LEU A 178 9.61 -5.50 -7.93
CA LEU A 178 9.17 -4.54 -8.93
C LEU A 178 8.13 -3.59 -8.34
N SER A 179 7.25 -4.10 -7.48
CA SER A 179 6.28 -3.24 -6.82
C SER A 179 6.99 -2.19 -5.97
N LEU A 180 8.02 -2.59 -5.24
CA LEU A 180 8.76 -1.64 -4.43
C LEU A 180 9.43 -0.58 -5.30
N THR A 181 10.00 -1.00 -6.43
CA THR A 181 10.65 -0.04 -7.32
C THR A 181 9.64 0.98 -7.86
N LEU A 182 8.49 0.50 -8.34
CA LEU A 182 7.49 1.41 -8.87
C LEU A 182 6.92 2.31 -7.77
N ASP A 183 6.77 1.76 -6.56
CA ASP A 183 6.29 2.57 -5.45
C ASP A 183 7.28 3.67 -5.10
N GLY A 184 8.57 3.36 -5.13
CA GLY A 184 9.57 4.39 -4.90
C GLY A 184 9.52 5.47 -5.96
N LEU A 185 9.36 5.05 -7.23
CA LEU A 185 9.19 6.05 -8.29
C LEU A 185 7.99 6.96 -8.05
N THR A 186 6.85 6.39 -7.66
CA THR A 186 5.69 7.24 -7.37
C THR A 186 6.01 8.19 -6.22
N GLY A 187 6.69 7.71 -5.18
CA GLY A 187 7.01 8.57 -4.05
C GLY A 187 7.87 9.75 -4.45
N VAL A 188 8.92 9.50 -5.23
CA VAL A 188 9.77 10.60 -5.66
C VAL A 188 8.99 11.56 -6.56
N SER A 189 8.11 11.02 -7.41
CA SER A 189 7.29 11.89 -8.24
C SER A 189 6.40 12.78 -7.37
N GLN A 190 5.77 12.20 -6.36
CA GLN A 190 4.95 12.97 -5.41
C GLN A 190 5.77 14.07 -4.78
N ASP A 191 6.98 13.73 -4.32
CA ASP A 191 7.82 14.72 -3.66
C ASP A 191 8.10 15.88 -4.59
N HIS A 192 8.42 15.59 -5.85
CA HIS A 192 8.69 16.67 -6.79
C HIS A 192 7.46 17.54 -7.02
N MET A 193 6.32 16.91 -7.31
CA MET A 193 5.13 17.70 -7.63
C MET A 193 4.65 18.51 -6.43
N ARG A 194 5.01 18.08 -5.21
CA ARG A 194 4.63 18.84 -4.03
C ARG A 194 5.60 19.99 -3.80
N ALA A 195 6.91 19.74 -3.99
CA ALA A 195 7.89 20.78 -3.69
C ALA A 195 7.89 21.86 -4.75
N HIS A 196 8.16 21.49 -6.01
CA HIS A 196 8.34 22.49 -7.05
C HIS A 196 7.03 23.07 -7.59
N TYR A 197 5.89 22.48 -7.25
CA TYR A 197 4.60 22.93 -7.79
C TYR A 197 3.55 23.27 -6.73
N GLN A 198 3.83 23.04 -5.45
CA GLN A 198 2.94 23.46 -4.37
C GLN A 198 1.56 22.84 -4.52
N THR A 199 1.52 21.52 -4.67
CA THR A 199 0.25 20.82 -4.77
C THR A 199 -0.36 20.65 -3.39
N GLY A 200 -1.62 20.23 -3.36
CA GLY A 200 -2.33 19.96 -2.14
C GLY A 200 -2.27 18.51 -1.75
N SER A 201 -3.29 18.06 -1.01
CA SER A 201 -3.41 16.67 -0.59
C SER A 201 -4.61 15.99 -1.21
N ASN A 202 -5.80 16.56 -1.04
CA ASN A 202 -6.99 15.96 -1.62
C ASN A 202 -6.97 16.03 -3.14
N HIS A 203 -6.56 17.19 -3.69
CA HIS A 203 -6.52 17.33 -5.14
C HIS A 203 -5.59 16.31 -5.78
N MET A 204 -4.41 16.11 -5.18
CA MET A 204 -3.45 15.16 -5.71
C MET A 204 -4.06 13.77 -5.83
N MET A 205 -4.56 13.24 -4.71
CA MET A 205 -5.12 11.90 -4.70
C MET A 205 -6.32 11.80 -5.64
N LEU A 206 -7.13 12.86 -5.68
CA LEU A 206 -8.30 12.86 -6.56
C LEU A 206 -7.87 12.69 -8.02
N ASN A 207 -6.95 13.53 -8.49
CA ASN A 207 -6.55 13.49 -9.90
C ASN A 207 -5.85 12.18 -10.22
N ILE A 208 -4.95 11.72 -9.36
CA ILE A 208 -4.22 10.50 -9.67
C ILE A 208 -5.20 9.33 -9.70
N ASN A 209 -6.22 9.35 -8.85
CA ASN A 209 -7.21 8.29 -8.86
C ASN A 209 -7.98 8.27 -10.18
N LEU A 210 -8.43 9.44 -10.64
CA LEU A 210 -9.14 9.47 -11.92
C LEU A 210 -8.26 8.95 -13.05
N TRP A 211 -7.01 9.40 -13.10
CA TRP A 211 -6.14 8.95 -14.17
C TRP A 211 -5.90 7.45 -14.10
N SER A 212 -5.66 6.93 -12.89
CA SER A 212 -5.39 5.51 -12.73
C SER A 212 -6.60 4.67 -13.13
N THR A 213 -7.80 5.08 -12.72
CA THR A 213 -8.97 4.27 -13.06
C THR A 213 -9.25 4.33 -14.56
N LEU A 214 -9.06 5.48 -15.20
CA LEU A 214 -9.24 5.55 -16.64
C LEU A 214 -8.28 4.62 -17.35
N LEU A 215 -6.98 4.68 -17.00
CA LEU A 215 -6.00 3.82 -17.64
C LEU A 215 -6.29 2.35 -17.37
N LEU A 216 -6.66 2.02 -16.14
CA LEU A 216 -6.94 0.64 -15.80
C LEU A 216 -8.11 0.11 -16.62
N GLY A 217 -9.19 0.89 -16.74
CA GLY A 217 -10.32 0.45 -17.55
C GLY A 217 -9.94 0.28 -19.01
N MET A 218 -9.22 1.26 -19.55
CA MET A 218 -8.82 1.19 -20.95
C MET A 218 -8.03 -0.09 -21.21
N GLY A 219 -7.01 -0.34 -20.39
CA GLY A 219 -6.24 -1.57 -20.54
C GLY A 219 -7.10 -2.81 -20.34
N ILE A 220 -8.02 -2.77 -19.38
CA ILE A 220 -8.79 -3.95 -19.02
C ILE A 220 -9.66 -4.39 -20.18
N LEU A 221 -10.34 -3.44 -20.84
CA LEU A 221 -11.21 -3.83 -21.94
C LEU A 221 -10.43 -4.52 -23.04
N PHE A 222 -9.17 -4.14 -23.25
CA PHE A 222 -8.35 -4.80 -24.26
C PHE A 222 -7.86 -6.17 -23.80
N THR A 223 -7.59 -6.32 -22.50
CA THR A 223 -7.02 -7.56 -22.00
C THR A 223 -7.92 -8.77 -22.25
N GLY A 224 -9.20 -8.55 -22.51
CA GLY A 224 -10.11 -9.65 -22.73
C GLY A 224 -10.31 -10.51 -21.50
N GLU A 225 -10.48 -9.89 -20.34
CA GLU A 225 -10.75 -10.60 -19.09
C GLU A 225 -12.02 -10.11 -18.39
N LEU A 226 -12.26 -8.79 -18.36
CA LEU A 226 -13.44 -8.29 -17.69
C LEU A 226 -14.71 -8.73 -18.41
N TRP A 227 -14.70 -8.72 -19.74
CA TRP A 227 -15.80 -9.31 -20.47
C TRP A 227 -16.02 -10.77 -20.06
N GLU A 228 -14.94 -11.45 -19.65
CA GLU A 228 -15.01 -12.83 -19.18
C GLU A 228 -15.09 -12.93 -17.66
N PHE A 229 -15.15 -11.80 -16.94
CA PHE A 229 -15.11 -11.84 -15.49
C PHE A 229 -16.46 -12.11 -14.85
N LEU A 230 -17.56 -11.81 -15.53
CA LEU A 230 -18.88 -12.10 -14.96
C LEU A 230 -19.06 -13.60 -14.78
N SER A 231 -18.59 -14.40 -15.74
CA SER A 231 -18.78 -15.84 -15.65
C SER A 231 -18.14 -16.39 -14.38
N PHE A 232 -16.96 -15.88 -14.02
CA PHE A 232 -16.35 -16.28 -12.75
C PHE A 232 -17.25 -15.90 -11.58
N ALA A 233 -17.82 -14.69 -11.61
CA ALA A 233 -18.80 -14.32 -10.59
C ALA A 233 -19.99 -15.26 -10.63
N GLU A 234 -20.42 -15.67 -11.82
CA GLU A 234 -21.50 -16.62 -11.93
C GLU A 234 -21.16 -17.93 -11.26
N ARG A 235 -19.88 -18.33 -11.29
CA ARG A 235 -19.47 -19.58 -10.68
C ARG A 235 -19.66 -19.54 -9.16
N TYR A 236 -19.31 -18.42 -8.54
CA TYR A 236 -19.39 -18.27 -7.08
C TYR A 236 -20.05 -16.93 -6.77
N PRO A 237 -21.36 -16.90 -6.51
CA PRO A 237 -22.04 -15.62 -6.32
C PRO A 237 -21.68 -14.91 -5.02
N ALA A 238 -20.80 -15.45 -4.20
CA ALA A 238 -20.45 -14.87 -2.91
C ALA A 238 -19.14 -14.11 -2.97
N ILE A 239 -18.86 -13.44 -4.10
CA ILE A 239 -17.61 -12.70 -4.27
C ILE A 239 -17.93 -11.26 -4.69
N ILE A 240 -19.09 -10.76 -4.27
CA ILE A 240 -19.54 -9.42 -4.62
C ILE A 240 -19.64 -8.53 -3.38
N TYR A 241 -20.29 -9.02 -2.32
CA TYR A 241 -20.39 -8.24 -1.10
C TYR A 241 -19.01 -7.97 -0.51
N ASN A 242 -18.18 -9.01 -0.43
CA ASN A 242 -16.87 -8.87 0.22
C ASN A 242 -16.01 -7.85 -0.49
N ILE A 243 -15.97 -7.90 -1.83
CA ILE A 243 -15.13 -6.95 -2.58
C ILE A 243 -15.67 -5.54 -2.42
N LEU A 244 -17.00 -5.38 -2.39
CA LEU A 244 -17.57 -4.05 -2.19
C LEU A 244 -17.19 -3.50 -0.82
N LEU A 245 -17.25 -4.35 0.22
CA LEU A 245 -16.84 -3.91 1.54
C LEU A 245 -15.37 -3.55 1.57
N PHE A 246 -14.54 -4.32 0.85
CA PHE A 246 -13.11 -4.02 0.80
C PHE A 246 -12.85 -2.66 0.16
N GLY A 247 -13.60 -2.34 -0.90
CA GLY A 247 -13.45 -1.03 -1.51
C GLY A 247 -13.94 0.08 -0.60
N LEU A 248 -15.08 -0.14 0.06
CA LEU A 248 -15.64 0.89 0.94
C LEU A 248 -14.70 1.18 2.10
N THR A 249 -14.18 0.14 2.76
CA THR A 249 -13.25 0.36 3.86
C THR A 249 -11.97 1.02 3.37
N SER A 250 -11.48 0.64 2.18
CA SER A 250 -10.28 1.29 1.67
C SER A 250 -10.50 2.79 1.50
N ALA A 251 -11.62 3.17 0.87
CA ALA A 251 -11.89 4.58 0.66
C ALA A 251 -12.08 5.32 1.98
N LEU A 252 -12.81 4.71 2.91
CA LEU A 252 -13.02 5.34 4.21
C LEU A 252 -11.69 5.54 4.93
N GLY A 253 -10.81 4.55 4.86
CA GLY A 253 -9.51 4.69 5.48
C GLY A 253 -8.67 5.79 4.84
N GLN A 254 -8.77 5.92 3.52
CA GLN A 254 -8.02 6.98 2.85
C GLN A 254 -8.51 8.35 3.30
N SER A 255 -9.84 8.51 3.39
CA SER A 255 -10.39 9.77 3.84
C SER A 255 -9.97 10.06 5.28
N PHE A 256 -10.02 9.04 6.15
CA PHE A 256 -9.67 9.24 7.54
C PHE A 256 -8.20 9.62 7.69
N ILE A 257 -7.30 8.98 6.94
CA ILE A 257 -5.90 9.32 7.08
C ILE A 257 -5.67 10.74 6.56
N PHE A 258 -6.34 11.11 5.47
CA PHE A 258 -6.24 12.49 5.01
C PHE A 258 -6.68 13.47 6.08
N MET A 259 -7.78 13.15 6.78
CA MET A 259 -8.26 14.07 7.82
C MET A 259 -7.27 14.13 8.97
N THR A 260 -6.62 13.01 9.29
CA THR A 260 -5.65 13.01 10.39
C THR A 260 -4.44 13.87 10.04
N VAL A 261 -3.91 13.72 8.82
CA VAL A 261 -2.60 14.29 8.51
C VAL A 261 -2.58 15.79 8.72
N VAL A 262 -3.73 16.46 8.55
CA VAL A 262 -3.78 17.90 8.76
C VAL A 262 -3.67 18.26 10.23
N TYR A 263 -3.95 17.31 11.13
CA TYR A 263 -3.84 17.53 12.56
C TYR A 263 -2.63 16.79 13.11
N PHE A 264 -1.88 17.45 13.99
CA PHE A 264 -0.70 16.89 14.63
C PHE A 264 0.42 16.60 13.62
N GLY A 265 0.36 17.21 12.45
CA GLY A 265 1.37 17.01 11.44
C GLY A 265 1.33 15.63 10.80
N PRO A 266 2.33 15.32 9.98
CA PRO A 266 2.35 14.02 9.29
C PRO A 266 3.11 12.94 10.05
N LEU A 267 3.91 13.34 11.03
CA LEU A 267 4.72 12.36 11.77
C LEU A 267 3.85 11.28 12.40
N THR A 268 2.65 11.64 12.84
CA THR A 268 1.76 10.64 13.45
C THR A 268 1.38 9.56 12.46
N CYS A 269 1.33 9.88 11.16
CA CYS A 269 0.93 8.90 10.17
C CYS A 269 1.88 7.71 10.14
N SER A 270 3.18 7.96 10.28
CA SER A 270 4.16 6.87 10.21
C SER A 270 3.95 5.89 11.36
N ILE A 271 3.86 6.40 12.59
CA ILE A 271 3.66 5.51 13.74
C ILE A 271 2.32 4.80 13.61
N ILE A 272 1.29 5.52 13.15
CA ILE A 272 -0.03 4.91 12.98
C ILE A 272 0.07 3.71 12.03
N THR A 273 0.69 3.90 10.87
CA THR A 273 0.79 2.82 9.90
C THR A 273 1.63 1.66 10.45
N THR A 274 2.72 1.96 11.16
CA THR A 274 3.54 0.88 11.69
C THR A 274 2.76 0.04 12.69
N THR A 275 2.04 0.69 13.60
CA THR A 275 1.23 -0.06 14.56
C THR A 275 0.15 -0.87 13.84
N ARG A 276 -0.50 -0.26 12.84
CA ARG A 276 -1.53 -0.97 12.11
C ARG A 276 -0.98 -2.21 11.43
N LYS A 277 0.21 -2.11 10.84
CA LYS A 277 0.77 -3.25 10.13
C LYS A 277 1.25 -4.33 11.08
N PHE A 278 1.74 -3.95 12.27
CA PHE A 278 2.13 -4.97 13.23
C PHE A 278 0.91 -5.72 13.76
N PHE A 279 -0.15 -4.98 14.08
CA PHE A 279 -1.37 -5.66 14.52
C PHE A 279 -1.96 -6.49 13.39
N THR A 280 -1.82 -6.05 12.14
CA THR A 280 -2.30 -6.85 11.01
C THR A 280 -1.51 -8.15 10.90
N ILE A 281 -0.19 -8.09 11.10
CA ILE A 281 0.61 -9.32 11.12
C ILE A 281 0.10 -10.26 12.22
N LEU A 282 -0.11 -9.72 13.41
CA LEU A 282 -0.55 -10.55 14.53
C LEU A 282 -1.89 -11.21 14.22
N ALA A 283 -2.85 -10.42 13.72
CA ALA A 283 -4.17 -10.96 13.40
C ALA A 283 -4.08 -12.00 12.29
N SER A 284 -3.23 -11.75 11.29
CA SER A 284 -3.09 -12.71 10.19
C SER A 284 -2.55 -14.03 10.69
N VAL A 285 -1.53 -14.00 11.54
CA VAL A 285 -0.96 -15.26 12.03
C VAL A 285 -1.96 -15.97 12.92
N ILE A 286 -2.74 -15.23 13.71
CA ILE A 286 -3.63 -15.88 14.66
C ILE A 286 -4.83 -16.48 13.94
N LEU A 287 -5.55 -15.68 13.16
CA LEU A 287 -6.86 -16.09 12.66
C LEU A 287 -6.74 -17.21 11.64
N PHE A 288 -5.87 -17.06 10.65
CA PHE A 288 -5.83 -17.96 9.51
C PHE A 288 -4.85 -19.11 9.66
N ALA A 289 -4.23 -19.26 10.84
CA ALA A 289 -3.37 -20.41 11.13
C ALA A 289 -2.23 -20.50 10.13
N ASN A 290 -1.57 -19.37 9.89
CA ASN A 290 -0.40 -19.36 9.02
C ASN A 290 0.82 -19.81 9.81
N PRO A 291 1.49 -20.91 9.44
CA PRO A 291 2.64 -21.36 10.23
C PRO A 291 3.75 -20.32 10.24
N ILE A 292 4.46 -20.26 11.37
CA ILE A 292 5.58 -19.35 11.54
C ILE A 292 6.54 -19.97 12.54
N SER A 293 7.85 -19.79 12.29
CA SER A 293 8.86 -20.37 13.16
C SER A 293 9.35 -19.35 14.18
N PRO A 294 9.85 -19.79 15.34
CA PRO A 294 10.28 -18.82 16.36
C PRO A 294 11.43 -17.95 15.90
N MET A 295 12.52 -18.55 15.41
CA MET A 295 13.63 -17.76 14.90
C MET A 295 13.16 -16.82 13.79
N GLN A 296 12.23 -17.28 12.96
CA GLN A 296 11.60 -16.39 12.00
C GLN A 296 10.79 -15.31 12.70
N TRP A 297 10.09 -15.68 13.77
CA TRP A 297 9.12 -14.78 14.38
C TRP A 297 9.77 -13.49 14.87
N VAL A 298 10.95 -13.60 15.49
CA VAL A 298 11.66 -12.41 15.94
C VAL A 298 12.12 -11.54 14.78
N GLY A 299 12.07 -12.06 13.55
CA GLY A 299 12.46 -11.25 12.41
C GLY A 299 11.56 -10.04 12.23
N THR A 300 10.24 -10.24 12.35
CA THR A 300 9.31 -9.15 12.07
C THR A 300 9.42 -8.03 13.09
N VAL A 301 9.66 -8.38 14.36
CA VAL A 301 9.75 -7.35 15.39
C VAL A 301 10.98 -6.47 15.17
N LEU A 302 12.08 -7.07 14.72
CA LEU A 302 13.29 -6.29 14.47
C LEU A 302 13.06 -5.26 13.37
N VAL A 303 12.50 -5.70 12.24
CA VAL A 303 12.30 -4.78 11.13
C VAL A 303 11.25 -3.74 11.48
N PHE A 304 10.20 -4.13 12.22
CA PHE A 304 9.20 -3.16 12.62
C PHE A 304 9.78 -2.12 13.57
N LEU A 305 10.65 -2.54 14.50
CA LEU A 305 11.27 -1.60 15.41
C LEU A 305 12.09 -0.58 14.64
N GLY A 306 12.89 -1.03 13.68
CA GLY A 306 13.62 -0.10 12.85
C GLY A 306 12.70 0.79 12.04
N LEU A 307 11.64 0.21 11.47
CA LEU A 307 10.67 1.00 10.72
C LEU A 307 9.97 1.97 11.66
N GLY A 308 9.98 3.24 11.30
CA GLY A 308 9.43 4.29 12.12
C GLY A 308 10.39 4.84 13.16
N LEU A 309 11.45 4.11 13.49
CA LEU A 309 12.46 4.66 14.37
C LEU A 309 13.12 5.89 13.77
N ASP A 310 13.27 5.91 12.44
CA ASP A 310 13.73 7.11 11.77
C ASP A 310 12.75 8.26 11.98
N ALA A 311 11.45 7.97 11.91
CA ALA A 311 10.46 9.01 12.13
C ALA A 311 10.56 9.55 13.56
N LYS A 312 10.72 8.67 14.54
CA LYS A 312 10.85 9.12 15.92
C LYS A 312 12.15 9.89 16.12
N PHE A 313 13.24 9.42 15.52
CA PHE A 313 14.55 10.06 15.65
C PHE A 313 15.18 10.17 14.28
N GLY A 314 15.48 11.40 13.85
CA GLY A 314 16.14 11.62 12.59
C GLY A 314 15.31 11.20 11.40
N LYS A 315 14.22 11.92 11.14
CA LYS A 315 13.35 11.60 10.02
C LYS A 315 14.12 11.69 8.70
N GLY A 316 13.93 10.69 7.85
CA GLY A 316 14.60 10.65 6.57
C GLY A 316 14.17 9.47 5.72
#